data_4QQC
#
_entry.id   4QQC
#
_cell.length_a   139.830
_cell.length_b   139.830
_cell.length_c   49.486
_cell.angle_alpha   90.00
_cell.angle_beta   90.00
_cell.angle_gamma   120.00
#
_symmetry.space_group_name_H-M   'H 3'
#
loop_
_entity.id
_entity.type
_entity.pdbx_description
1 polymer 'Fibroblast growth factor receptor 4'
2 non-polymer N-(4-{[3-(3,5-dimethoxyphenyl)-7-{[4-(4-methylpiperazin-1-yl)phenyl]amino}-2-oxo-3,4-dihydropyrimido[4,5-d]pyrimidin-1(2H)-yl]methyl}phenyl)propanamide
3 non-polymer 'SULFATE ION'
4 water water
#
_entity_poly.entity_id   1
_entity_poly.type   'polypeptide(L)'
_entity_poly.pdbx_seq_one_letter_code
;MGSSHHHHHHSQDPLLAGLVSLDLPLDPLWEFPRDRLVLGKPLGEGCFGQVVRAEAFGMDPARPDQASTVAVKMLKDNAS
DKDLADLVSEMEVMKLIGRHKNIINLLGVCTQEGPLYVIVECAAKGNLREFLRARRPPGPDLSPDGPRSSEGPLSFPVLV
SCAYQVARGMQYLESRKCIHRDLAARNVLVTEDNVMKIADFGLARGVHHIDYYKKTSNGRLPVKWMAPEALFDEVYTHQS
DVWSFGILLWEIFTLGGSPYPGIPVEELFSLLREGHRMDRPPHCPPELYGLMRECWHAAPSQRPTFKQLVEALDKVLLAV
SEE
;
_entity_poly.pdbx_strand_id   A
#
# COMPACT_ATOMS: atom_id res chain seq x y z
N ASP A 13 -3.69 5.05 -30.49
CA ASP A 13 -2.50 4.74 -29.70
C ASP A 13 -1.54 3.80 -30.43
N PRO A 14 -0.48 4.39 -31.00
CA PRO A 14 0.54 3.81 -31.89
C PRO A 14 0.94 2.37 -31.55
N LEU A 15 1.56 2.15 -30.40
CA LEU A 15 2.07 0.83 -30.04
C LEU A 15 0.97 -0.21 -29.94
N LEU A 16 -0.14 0.13 -29.29
CA LEU A 16 -1.19 -0.85 -29.08
C LEU A 16 -2.05 -1.05 -30.32
N ALA A 17 -2.20 -0.01 -31.13
CA ALA A 17 -2.96 -0.13 -32.37
C ALA A 17 -2.10 -0.70 -33.49
N GLY A 18 -0.80 -0.41 -33.47
CA GLY A 18 0.09 -0.75 -34.57
C GLY A 18 0.73 -2.13 -34.58
N LEU A 19 1.01 -2.69 -33.41
CA LEU A 19 1.72 -3.96 -33.31
C LEU A 19 0.79 -5.16 -33.13
N VAL A 20 1.04 -6.22 -33.90
CA VAL A 20 0.28 -7.46 -33.74
C VAL A 20 0.85 -8.20 -32.53
N SER A 21 2.13 -7.98 -32.27
CA SER A 21 2.78 -8.52 -31.09
C SER A 21 3.69 -7.47 -30.43
N LEU A 22 3.79 -7.57 -29.12
CA LEU A 22 4.50 -6.57 -28.35
C LEU A 22 5.81 -7.17 -27.84
N ASP A 23 6.93 -6.73 -28.40
CA ASP A 23 8.19 -7.39 -28.14
C ASP A 23 8.94 -6.81 -26.94
N LEU A 24 8.35 -7.04 -25.77
CA LEU A 24 9.01 -6.69 -24.52
C LEU A 24 10.20 -7.63 -24.30
N PRO A 25 11.25 -7.09 -23.68
CA PRO A 25 12.44 -7.94 -23.49
C PRO A 25 12.17 -9.07 -22.50
N LEU A 26 12.75 -10.24 -22.80
CA LEU A 26 12.61 -11.39 -21.93
C LEU A 26 13.54 -11.24 -20.74
N ASP A 27 12.95 -11.28 -19.54
CA ASP A 27 13.71 -11.31 -18.31
C ASP A 27 13.48 -12.64 -17.62
N PRO A 28 14.44 -13.56 -17.76
CA PRO A 28 14.32 -14.94 -17.30
C PRO A 28 14.21 -15.08 -15.78
N LEU A 29 14.69 -14.10 -15.03
CA LEU A 29 14.55 -14.14 -13.59
C LEU A 29 13.06 -14.15 -13.21
N TRP A 30 12.21 -13.50 -14.01
CA TRP A 30 10.82 -13.25 -13.62
C TRP A 30 9.73 -13.88 -14.50
N GLU A 31 10.09 -14.32 -15.70
CA GLU A 31 9.11 -14.78 -16.66
C GLU A 31 8.42 -16.04 -16.14
N PHE A 32 7.11 -16.05 -16.26
CA PHE A 32 6.30 -17.12 -15.74
C PHE A 32 5.48 -17.73 -16.88
N PRO A 33 5.43 -19.07 -16.97
CA PRO A 33 4.74 -19.72 -18.09
C PRO A 33 3.23 -19.52 -18.02
N ARG A 34 2.65 -18.98 -19.09
CA ARG A 34 1.21 -18.70 -19.16
C ARG A 34 0.32 -19.91 -18.93
N ASP A 35 0.79 -21.09 -19.29
CA ASP A 35 -0.03 -22.29 -19.13
C ASP A 35 -0.09 -22.78 -17.69
N ARG A 36 0.73 -22.21 -16.81
CA ARG A 36 0.65 -22.55 -15.39
C ARG A 36 -0.21 -21.53 -14.66
N LEU A 37 -0.96 -20.75 -15.43
CA LEU A 37 -1.76 -19.68 -14.85
C LEU A 37 -3.24 -19.81 -15.25
N VAL A 38 -4.13 -19.80 -14.27
CA VAL A 38 -5.57 -19.87 -14.53
C VAL A 38 -6.27 -18.58 -14.09
N LEU A 39 -6.70 -17.75 -15.04
CA LEU A 39 -7.35 -16.49 -14.70
C LEU A 39 -8.78 -16.66 -14.17
N GLY A 40 -9.12 -15.92 -13.11
CA GLY A 40 -10.42 -16.03 -12.47
C GLY A 40 -11.22 -14.73 -12.43
N LYS A 41 -11.94 -14.52 -11.33
CA LYS A 41 -12.85 -13.38 -11.22
C LYS A 41 -12.10 -12.08 -10.93
N PRO A 42 -12.62 -10.95 -11.46
CA PRO A 42 -12.10 -9.59 -11.22
C PRO A 42 -11.99 -9.25 -9.74
N LEU A 43 -11.11 -8.31 -9.44
CA LEU A 43 -10.72 -8.00 -8.08
C LEU A 43 -10.80 -6.48 -7.86
N GLY A 44 -11.57 -6.04 -6.87
CA GLY A 44 -11.77 -4.61 -6.65
C GLY A 44 -12.59 -4.04 -7.78
N GLU A 45 -12.24 -2.84 -8.23
CA GLU A 45 -12.89 -2.27 -9.42
C GLU A 45 -11.87 -1.93 -10.49
N GLY A 46 -12.02 -0.79 -11.13
CA GLY A 46 -11.24 -0.54 -12.33
C GLY A 46 -10.58 0.81 -12.48
N CYS A 47 -10.15 1.39 -11.36
CA CYS A 47 -9.47 2.68 -11.39
C CYS A 47 -7.96 2.51 -11.60
N PHE A 48 -7.45 1.37 -11.13
CA PHE A 48 -6.03 1.03 -11.33
C PHE A 48 -5.92 -0.14 -12.30
N GLY A 49 -6.41 0.06 -13.52
CA GLY A 49 -6.38 -0.98 -14.53
C GLY A 49 -7.26 -2.18 -14.22
N GLN A 50 -6.93 -3.31 -14.84
CA GLN A 50 -7.70 -4.52 -14.66
C GLN A 50 -6.93 -5.55 -13.84
N VAL A 51 -7.51 -5.93 -12.70
CA VAL A 51 -6.89 -6.88 -11.80
C VAL A 51 -7.84 -8.02 -11.50
N VAL A 52 -7.33 -9.25 -11.64
CA VAL A 52 -8.15 -10.41 -11.45
C VAL A 52 -7.47 -11.39 -10.50
N ARG A 53 -8.28 -12.15 -9.78
CA ARG A 53 -7.82 -13.29 -9.01
C ARG A 53 -7.42 -14.41 -10.00
N ALA A 54 -6.45 -15.22 -9.61
CA ALA A 54 -6.02 -16.32 -10.46
C ALA A 54 -5.39 -17.40 -9.63
N GLU A 55 -5.22 -18.57 -10.22
CA GLU A 55 -4.50 -19.66 -9.57
C GLU A 55 -3.23 -19.94 -10.37
N ALA A 56 -2.11 -20.03 -9.67
CA ALA A 56 -0.82 -20.27 -10.30
C ALA A 56 -0.22 -21.58 -9.78
N PHE A 57 0.25 -22.40 -10.70
CA PHE A 57 0.80 -23.70 -10.33
C PHE A 57 2.32 -23.65 -10.27
N GLY A 58 2.89 -24.26 -9.24
CA GLY A 58 4.32 -24.32 -9.10
C GLY A 58 5.01 -22.99 -8.83
N MET A 59 4.39 -22.14 -8.02
CA MET A 59 4.98 -20.84 -7.72
C MET A 59 6.19 -20.95 -6.77
N ASP A 65 4.39 -28.14 -8.96
CA ASP A 65 3.68 -29.10 -8.12
C ASP A 65 2.16 -28.83 -8.07
N GLN A 66 1.72 -27.96 -7.15
CA GLN A 66 0.30 -27.62 -7.01
C GLN A 66 0.03 -26.09 -6.86
N ALA A 67 -1.25 -25.72 -6.86
CA ALA A 67 -1.70 -24.33 -7.03
C ALA A 67 -1.58 -23.42 -5.81
N SER A 68 -1.66 -22.11 -6.06
CA SER A 68 -1.82 -21.10 -5.02
C SER A 68 -2.52 -19.88 -5.61
N THR A 69 -3.26 -19.16 -4.78
CA THR A 69 -4.01 -17.99 -5.22
C THR A 69 -3.13 -16.79 -5.40
N VAL A 70 -3.27 -16.10 -6.53
CA VAL A 70 -2.50 -14.88 -6.82
C VAL A 70 -3.37 -13.81 -7.46
N ALA A 71 -2.82 -12.63 -7.66
CA ALA A 71 -3.54 -11.56 -8.34
C ALA A 71 -2.81 -11.18 -9.61
N VAL A 72 -3.56 -10.89 -10.67
CA VAL A 72 -2.94 -10.65 -11.95
C VAL A 72 -3.41 -9.33 -12.52
N LYS A 73 -2.47 -8.45 -12.85
CA LYS A 73 -2.84 -7.17 -13.47
C LYS A 73 -2.51 -7.20 -14.95
N MET A 74 -3.41 -6.62 -15.75
CA MET A 74 -3.31 -6.66 -17.20
C MET A 74 -3.87 -5.38 -17.76
N LEU A 75 -3.78 -5.18 -19.06
CA LEU A 75 -4.35 -3.96 -19.62
C LEU A 75 -5.84 -4.13 -19.89
N LYS A 76 -6.63 -3.15 -19.46
CA LYS A 76 -8.03 -3.06 -19.86
C LYS A 76 -8.11 -3.03 -21.38
N ASP A 77 -9.19 -3.58 -21.93
CA ASP A 77 -9.31 -3.72 -23.39
C ASP A 77 -9.36 -2.39 -24.14
N ASN A 78 -9.49 -1.28 -23.42
CA ASN A 78 -9.40 0.05 -24.03
C ASN A 78 -8.13 0.83 -23.62
N ALA A 79 -7.08 0.11 -23.21
CA ALA A 79 -5.88 0.76 -22.67
C ALA A 79 -5.17 1.62 -23.71
N SER A 80 -4.60 2.73 -23.23
CA SER A 80 -3.79 3.57 -24.08
C SER A 80 -2.34 3.14 -23.98
N ASP A 81 -1.51 3.66 -24.86
CA ASP A 81 -0.07 3.48 -24.79
C ASP A 81 0.48 3.93 -23.43
N LYS A 82 -0.17 4.90 -22.80
CA LYS A 82 0.29 5.38 -21.48
C LYS A 82 -0.04 4.35 -20.40
N ASP A 83 -1.17 3.67 -20.51
CA ASP A 83 -1.49 2.56 -19.59
C ASP A 83 -0.45 1.43 -19.70
N LEU A 84 -0.04 1.14 -20.92
CA LEU A 84 1.00 0.14 -21.18
C LEU A 84 2.30 0.52 -20.53
N ALA A 85 2.71 1.78 -20.72
CA ALA A 85 3.94 2.32 -20.11
C ALA A 85 3.89 2.24 -18.60
N ASP A 86 2.75 2.61 -18.04
CA ASP A 86 2.56 2.56 -16.58
C ASP A 86 2.63 1.14 -16.01
N LEU A 87 1.96 0.20 -16.66
CA LEU A 87 2.05 -1.20 -16.22
C LEU A 87 3.50 -1.72 -16.30
N VAL A 88 4.20 -1.41 -17.38
CA VAL A 88 5.58 -1.84 -17.55
C VAL A 88 6.47 -1.21 -16.49
N SER A 89 6.28 0.09 -16.26
CA SER A 89 7.11 0.81 -15.28
C SER A 89 6.89 0.31 -13.84
N GLU A 90 5.64 0.01 -13.51
CA GLU A 90 5.32 -0.53 -12.20
C GLU A 90 5.95 -1.91 -12.03
N MET A 91 5.87 -2.72 -13.07
CA MET A 91 6.53 -4.01 -13.13
C MET A 91 8.04 -3.88 -12.88
N GLU A 92 8.69 -3.01 -13.64
CA GLU A 92 10.12 -2.79 -13.49
C GLU A 92 10.49 -2.32 -12.07
N VAL A 93 9.70 -1.40 -11.51
CA VAL A 93 9.97 -0.94 -10.14
C VAL A 93 9.81 -2.08 -9.14
N MET A 94 8.84 -2.97 -9.34
CA MET A 94 8.64 -4.05 -8.37
C MET A 94 9.75 -5.09 -8.45
N LYS A 95 10.31 -5.29 -9.63
CA LYS A 95 11.49 -6.14 -9.77
C LYS A 95 12.68 -5.69 -8.90
N LEU A 96 12.94 -4.39 -8.85
CA LEU A 96 14.09 -3.82 -8.13
C LEU A 96 13.92 -3.76 -6.60
N ILE A 97 12.69 -3.76 -6.12
CA ILE A 97 12.44 -3.50 -4.70
C ILE A 97 12.75 -4.72 -3.83
N GLY A 98 12.53 -5.90 -4.35
CA GLY A 98 12.86 -7.09 -3.57
C GLY A 98 11.66 -7.56 -2.78
N ARG A 99 11.84 -8.68 -2.11
CA ARG A 99 10.72 -9.35 -1.44
C ARG A 99 10.66 -9.02 0.05
N HIS A 100 9.43 -8.85 0.57
CA HIS A 100 9.25 -8.72 2.01
C HIS A 100 7.84 -9.14 2.39
N LYS A 101 7.72 -9.75 3.56
CA LYS A 101 6.47 -10.29 4.06
C LYS A 101 5.31 -9.28 4.05
N ASN A 102 5.62 -8.00 4.31
CA ASN A 102 4.58 -7.01 4.52
C ASN A 102 4.42 -6.05 3.36
N ILE A 103 4.83 -6.49 2.18
CA ILE A 103 4.46 -5.74 0.98
C ILE A 103 3.86 -6.70 -0.05
N ILE A 104 3.05 -6.16 -0.97
CA ILE A 104 2.58 -6.97 -2.09
C ILE A 104 3.80 -7.29 -2.96
N ASN A 105 4.20 -8.56 -3.04
CA ASN A 105 5.39 -8.92 -3.81
C ASN A 105 5.07 -9.32 -5.26
N LEU A 106 5.98 -8.95 -6.17
CA LEU A 106 5.91 -9.43 -7.54
C LEU A 106 6.22 -10.92 -7.51
N LEU A 107 5.43 -11.72 -8.21
CA LEU A 107 5.67 -13.17 -8.24
C LEU A 107 6.15 -13.64 -9.61
N GLY A 108 5.80 -12.90 -10.65
CA GLY A 108 6.19 -13.27 -12.00
C GLY A 108 5.54 -12.38 -13.03
N VAL A 109 6.04 -12.43 -14.26
CA VAL A 109 5.46 -11.70 -15.38
C VAL A 109 5.28 -12.62 -16.60
N CYS A 110 4.30 -12.26 -17.44
CA CYS A 110 4.16 -12.90 -18.74
C CYS A 110 4.27 -11.79 -19.79
N THR A 111 5.37 -11.79 -20.53
CA THR A 111 5.69 -10.73 -21.50
C THR A 111 5.87 -11.30 -22.91
N GLN A 112 6.20 -12.59 -22.98
CA GLN A 112 6.55 -13.23 -24.24
C GLN A 112 5.35 -13.94 -24.85
N GLU A 113 5.11 -13.72 -26.13
CA GLU A 113 4.11 -14.45 -26.92
C GLU A 113 2.71 -14.51 -26.29
N GLY A 114 2.15 -13.34 -25.97
CA GLY A 114 0.80 -13.20 -25.45
C GLY A 114 0.59 -11.82 -24.81
N PRO A 115 -0.62 -11.56 -24.26
CA PRO A 115 -0.90 -10.35 -23.49
C PRO A 115 0.07 -10.16 -22.31
N LEU A 116 0.32 -8.90 -21.95
CA LEU A 116 1.13 -8.60 -20.79
C LEU A 116 0.38 -8.91 -19.48
N TYR A 117 0.92 -9.82 -18.68
CA TYR A 117 0.39 -10.13 -17.35
C TYR A 117 1.44 -9.88 -16.26
N VAL A 118 1.03 -9.21 -15.20
CA VAL A 118 1.90 -8.97 -14.05
C VAL A 118 1.31 -9.68 -12.85
N ILE A 119 2.02 -10.68 -12.35
CA ILE A 119 1.46 -11.54 -11.32
C ILE A 119 1.99 -11.13 -9.96
N VAL A 120 1.09 -10.74 -9.06
CA VAL A 120 1.51 -10.37 -7.71
C VAL A 120 0.74 -11.16 -6.63
N GLU A 121 1.12 -10.97 -5.37
CA GLU A 121 0.45 -11.68 -4.28
C GLU A 121 -1.01 -11.26 -4.15
N CYS A 122 -1.89 -12.22 -3.87
CA CYS A 122 -3.28 -11.90 -3.56
C CYS A 122 -3.44 -11.62 -2.04
N ALA A 123 -4.33 -10.71 -1.71
CA ALA A 123 -4.73 -10.45 -0.32
C ALA A 123 -6.24 -10.60 -0.21
N ALA A 124 -6.69 -11.77 0.24
CA ALA A 124 -8.10 -12.15 0.20
C ALA A 124 -9.10 -11.22 0.93
N LYS A 125 -8.67 -10.55 2.01
CA LYS A 125 -9.63 -9.76 2.80
C LYS A 125 -9.76 -8.27 2.41
N GLY A 126 -9.14 -7.86 1.31
CA GLY A 126 -9.25 -6.48 0.86
C GLY A 126 -8.35 -5.49 1.61
N ASN A 127 -8.66 -4.21 1.51
CA ASN A 127 -7.83 -3.19 2.12
C ASN A 127 -8.13 -3.01 3.63
N LEU A 128 -7.21 -2.37 4.33
CA LEU A 128 -7.26 -2.32 5.79
C LEU A 128 -8.43 -1.48 6.31
N ARG A 129 -8.73 -0.37 5.64
CA ARG A 129 -9.87 0.47 6.04
C ARG A 129 -11.17 -0.32 6.08
N GLU A 130 -11.45 -1.09 5.02
CA GLU A 130 -12.71 -1.81 4.93
C GLU A 130 -12.72 -3.02 5.87
N PHE A 131 -11.55 -3.65 6.03
CA PHE A 131 -11.40 -4.74 6.98
C PHE A 131 -11.80 -4.28 8.40
N LEU A 132 -11.25 -3.15 8.82
CA LEU A 132 -11.55 -2.58 10.12
C LEU A 132 -13.02 -2.18 10.24
N ARG A 133 -13.53 -1.45 9.25
CA ARG A 133 -14.90 -0.96 9.34
C ARG A 133 -15.94 -2.10 9.39
N ALA A 134 -15.71 -3.16 8.63
CA ALA A 134 -16.62 -4.30 8.63
C ALA A 134 -16.69 -5.00 9.98
N ARG A 135 -15.68 -4.77 10.82
CA ARG A 135 -15.54 -5.51 12.06
C ARG A 135 -15.67 -4.63 13.28
N ARG A 136 -16.16 -3.40 13.08
CA ARG A 136 -16.49 -2.50 14.19
C ARG A 136 -17.47 -3.11 15.16
N PRO A 137 -17.29 -2.84 16.47
CA PRO A 137 -18.24 -3.29 17.48
C PRO A 137 -19.52 -2.46 17.38
N PRO A 138 -20.63 -2.95 17.94
CA PRO A 138 -21.91 -2.22 17.96
C PRO A 138 -21.78 -0.77 18.43
N GLY A 152 -12.47 -7.69 21.99
CA GLY A 152 -13.19 -8.37 20.93
C GLY A 152 -12.39 -8.59 19.66
N PRO A 153 -13.05 -8.57 18.50
CA PRO A 153 -12.50 -8.79 17.16
C PRO A 153 -11.38 -7.81 16.78
N LEU A 154 -11.53 -6.57 17.21
CA LEU A 154 -10.52 -5.54 16.95
C LEU A 154 -9.90 -5.10 18.27
N SER A 155 -9.48 -6.08 19.06
CA SER A 155 -8.83 -5.81 20.33
C SER A 155 -7.57 -4.97 20.14
N PHE A 156 -7.12 -4.36 21.23
CA PHE A 156 -5.87 -3.63 21.26
C PHE A 156 -4.70 -4.40 20.62
N PRO A 157 -4.51 -5.70 20.96
CA PRO A 157 -3.41 -6.46 20.31
C PRO A 157 -3.52 -6.59 18.78
N VAL A 158 -4.72 -6.79 18.26
CA VAL A 158 -4.94 -6.88 16.82
C VAL A 158 -4.54 -5.58 16.12
N LEU A 159 -4.95 -4.45 16.70
CA LEU A 159 -4.70 -3.14 16.15
C LEU A 159 -3.21 -2.82 16.17
N VAL A 160 -2.56 -3.07 17.31
CA VAL A 160 -1.13 -2.83 17.42
C VAL A 160 -0.39 -3.69 16.41
N SER A 161 -0.86 -4.93 16.24
CA SER A 161 -0.27 -5.84 15.27
C SER A 161 -0.39 -5.30 13.85
N CYS A 162 -1.53 -4.70 13.50
CA CYS A 162 -1.70 -4.07 12.18
C CYS A 162 -0.67 -2.97 11.99
N ALA A 163 -0.60 -2.09 12.98
CA ALA A 163 0.32 -0.96 12.94
C ALA A 163 1.76 -1.45 12.83
N TYR A 164 2.11 -2.44 13.66
CA TYR A 164 3.45 -3.01 13.66
C TYR A 164 3.84 -3.58 12.29
N GLN A 165 2.93 -4.31 11.66
CA GLN A 165 3.22 -4.96 10.39
C GLN A 165 3.43 -3.96 9.26
N VAL A 166 2.61 -2.92 9.23
CA VAL A 166 2.78 -1.82 8.29
C VAL A 166 4.12 -1.07 8.50
N ALA A 167 4.50 -0.84 9.76
CA ALA A 167 5.76 -0.17 10.03
C ALA A 167 6.94 -1.03 9.55
N ARG A 168 6.84 -2.34 9.72
CA ARG A 168 7.88 -3.26 9.22
C ARG A 168 8.01 -3.19 7.69
N GLY A 169 6.88 -3.18 6.98
CA GLY A 169 6.92 -3.00 5.55
C GLY A 169 7.53 -1.69 5.10
N MET A 170 7.12 -0.60 5.75
CA MET A 170 7.69 0.71 5.46
C MET A 170 9.20 0.76 5.77
N GLN A 171 9.61 0.16 6.89
CA GLN A 171 11.04 0.08 7.20
C GLN A 171 11.78 -0.61 6.05
N TYR A 172 11.24 -1.74 5.57
CA TYR A 172 11.81 -2.41 4.41
C TYR A 172 11.87 -1.48 3.20
N LEU A 173 10.75 -0.87 2.86
CA LEU A 173 10.73 -0.02 1.68
C LEU A 173 11.77 1.09 1.83
N GLU A 174 11.79 1.77 2.98
CA GLU A 174 12.78 2.82 3.21
C GLU A 174 14.22 2.31 2.98
N SER A 175 14.54 1.11 3.45
CA SER A 175 15.88 0.55 3.24
C SER A 175 16.21 0.33 1.75
N ARG A 176 15.16 0.17 0.94
CA ARG A 176 15.29 0.01 -0.52
C ARG A 176 15.15 1.37 -1.20
N LYS A 177 15.25 2.44 -0.42
CA LYS A 177 15.24 3.80 -0.94
C LYS A 177 13.94 4.11 -1.68
N CYS A 178 12.86 3.46 -1.26
CA CYS A 178 11.57 3.67 -1.90
C CYS A 178 10.65 4.54 -1.04
N ILE A 179 10.34 5.74 -1.53
CA ILE A 179 9.39 6.60 -0.86
C ILE A 179 7.99 6.36 -1.41
N HIS A 180 7.05 6.04 -0.53
CA HIS A 180 5.72 5.62 -0.95
C HIS A 180 4.88 6.78 -1.48
N ARG A 181 4.78 7.85 -0.68
CA ARG A 181 4.09 9.09 -1.05
C ARG A 181 2.57 9.02 -0.90
N ASP A 182 2.00 7.82 -0.78
CA ASP A 182 0.56 7.71 -0.54
C ASP A 182 0.20 6.62 0.46
N LEU A 183 0.87 6.61 1.60
CA LEU A 183 0.57 5.62 2.63
C LEU A 183 -0.77 5.96 3.30
N ALA A 184 -1.71 5.02 3.20
CA ALA A 184 -3.02 5.15 3.80
C ALA A 184 -3.60 3.75 4.00
N ALA A 185 -4.57 3.59 4.89
CA ALA A 185 -5.16 2.29 5.16
C ALA A 185 -5.79 1.65 3.92
N ARG A 186 -6.39 2.47 3.06
CA ARG A 186 -6.95 1.95 1.81
C ARG A 186 -5.83 1.34 0.92
N ASN A 187 -4.59 1.74 1.18
CA ASN A 187 -3.44 1.21 0.44
C ASN A 187 -2.71 0.06 1.13
N VAL A 188 -3.31 -0.47 2.17
CA VAL A 188 -2.75 -1.62 2.89
C VAL A 188 -3.72 -2.75 2.72
N LEU A 189 -3.24 -3.89 2.23
CA LEU A 189 -4.11 -5.02 1.95
C LEU A 189 -3.92 -6.14 2.98
N VAL A 190 -4.97 -6.93 3.19
CA VAL A 190 -5.01 -7.91 4.27
C VAL A 190 -5.21 -9.31 3.69
N THR A 191 -4.31 -10.24 3.99
CA THR A 191 -4.40 -11.62 3.47
C THR A 191 -5.31 -12.48 4.32
N GLU A 192 -5.50 -13.72 3.87
CA GLU A 192 -6.32 -14.73 4.55
C GLU A 192 -5.90 -14.92 6.01
N ASP A 193 -4.62 -14.68 6.28
CA ASP A 193 -4.06 -14.90 7.60
C ASP A 193 -3.81 -13.59 8.34
N ASN A 194 -4.47 -12.52 7.90
CA ASN A 194 -4.39 -11.23 8.55
C ASN A 194 -2.98 -10.66 8.58
N VAL A 195 -2.22 -10.93 7.52
CA VAL A 195 -0.93 -10.30 7.30
C VAL A 195 -1.16 -9.01 6.55
N MET A 196 -0.55 -7.93 7.01
CA MET A 196 -0.67 -6.64 6.34
C MET A 196 0.31 -6.59 5.20
N LYS A 197 -0.14 -6.08 4.06
CA LYS A 197 0.72 -5.94 2.89
C LYS A 197 0.50 -4.60 2.23
N ILE A 198 1.54 -3.78 2.22
CA ILE A 198 1.47 -2.49 1.58
C ILE A 198 1.38 -2.62 0.04
N ALA A 199 0.37 -1.97 -0.53
CA ALA A 199 0.19 -1.89 -1.98
C ALA A 199 0.59 -0.49 -2.44
N ASP A 200 0.65 -0.21 -3.74
N ASP A 200 0.71 -0.35 -3.76
CA ASP A 200 1.12 1.13 -4.10
CA ASP A 200 1.00 0.90 -4.45
C ASP A 200 0.17 1.93 -4.99
C ASP A 200 2.35 1.52 -4.09
N PHE A 201 -0.22 1.36 -6.13
N PHE A 201 3.31 0.70 -3.67
CA PHE A 201 -1.10 2.01 -7.11
CA PHE A 201 4.66 1.19 -3.38
C PHE A 201 -0.49 3.25 -7.79
C PHE A 201 5.44 1.41 -4.67
N GLY A 202 0.77 3.54 -7.52
N GLY A 202 5.07 0.65 -5.71
CA GLY A 202 1.38 4.73 -8.08
CA GLY A 202 5.68 0.81 -7.02
C GLY A 202 2.87 4.66 -8.36
C GLY A 202 4.77 1.60 -7.92
N LEU A 203 3.38 3.47 -8.65
N LEU A 203 5.35 2.41 -8.81
CA LEU A 203 4.81 3.32 -8.94
CA LEU A 203 4.56 3.35 -9.60
C LEU A 203 5.16 3.74 -10.36
C LEU A 203 5.10 3.52 -11.02
N LEU A 221 -9.48 11.32 -0.65
CA LEU A 221 -8.51 12.23 -1.26
C LEU A 221 -7.20 12.32 -0.47
N PRO A 222 -6.09 11.88 -1.10
CA PRO A 222 -4.72 11.79 -0.59
C PRO A 222 -4.21 13.00 0.18
N VAL A 223 -4.84 14.16 0.00
CA VAL A 223 -4.35 15.38 0.65
C VAL A 223 -4.31 15.26 2.17
N LYS A 224 -5.25 14.52 2.76
CA LYS A 224 -5.35 14.38 4.20
C LYS A 224 -4.26 13.49 4.82
N TRP A 225 -3.50 12.82 3.96
CA TRP A 225 -2.42 11.93 4.41
C TRP A 225 -1.07 12.58 4.14
N MET A 226 -1.08 13.77 3.55
CA MET A 226 0.17 14.43 3.15
C MET A 226 0.81 15.28 4.24
N ALA A 227 2.12 15.07 4.45
CA ALA A 227 2.91 15.93 5.31
C ALA A 227 2.90 17.38 4.80
N PRO A 228 3.00 18.35 5.71
CA PRO A 228 3.05 19.77 5.33
C PRO A 228 4.10 20.10 4.25
N GLU A 229 5.30 19.54 4.35
CA GLU A 229 6.34 19.83 3.38
C GLU A 229 5.93 19.33 1.99
N ALA A 230 5.06 18.33 1.95
CA ALA A 230 4.62 17.77 0.69
C ALA A 230 3.39 18.54 0.19
N LEU A 231 2.50 18.87 1.12
CA LEU A 231 1.34 19.70 0.82
C LEU A 231 1.72 21.06 0.20
N PHE A 232 2.75 21.70 0.76
CA PHE A 232 3.05 23.08 0.41
C PHE A 232 4.17 23.20 -0.59
N ASP A 233 5.22 22.40 -0.42
CA ASP A 233 6.43 22.54 -1.23
C ASP A 233 6.70 21.33 -2.12
N GLU A 234 5.71 20.45 -2.25
CA GLU A 234 5.81 19.19 -2.99
C GLU A 234 7.10 18.40 -2.72
N VAL A 235 7.57 18.46 -1.49
CA VAL A 235 8.74 17.71 -1.06
C VAL A 235 8.31 16.38 -0.44
N TYR A 236 8.89 15.29 -0.92
CA TYR A 236 8.58 13.97 -0.39
C TYR A 236 9.85 13.27 0.08
N THR A 237 9.82 12.79 1.31
CA THR A 237 10.96 12.13 1.92
C THR A 237 10.42 10.94 2.72
N HIS A 238 11.32 10.15 3.29
CA HIS A 238 10.87 9.06 4.15
C HIS A 238 10.14 9.61 5.38
N GLN A 239 10.50 10.83 5.76
CA GLN A 239 9.92 11.46 6.94
C GLN A 239 8.50 12.00 6.63
N SER A 240 8.20 12.23 5.36
CA SER A 240 6.81 12.54 5.02
C SER A 240 5.96 11.26 5.01
N ASP A 241 6.59 10.11 4.74
CA ASP A 241 5.86 8.82 4.81
C ASP A 241 5.51 8.53 6.27
N VAL A 242 6.40 8.95 7.17
CA VAL A 242 6.21 8.79 8.60
C VAL A 242 5.00 9.60 9.07
N TRP A 243 4.89 10.84 8.59
CA TRP A 243 3.68 11.64 8.84
C TRP A 243 2.44 10.84 8.40
N SER A 244 2.44 10.38 7.15
CA SER A 244 1.32 9.61 6.60
C SER A 244 1.03 8.39 7.46
N PHE A 245 2.09 7.76 7.94
CA PHE A 245 1.95 6.60 8.83
C PHE A 245 1.24 6.99 10.14
N GLY A 246 1.50 8.21 10.61
CA GLY A 246 0.77 8.75 11.75
C GLY A 246 -0.72 8.83 11.45
N ILE A 247 -1.08 9.30 10.26
CA ILE A 247 -2.49 9.36 9.86
C ILE A 247 -3.07 7.94 9.78
N LEU A 248 -2.30 7.01 9.21
CA LEU A 248 -2.73 5.61 9.13
C LEU A 248 -2.96 5.00 10.52
N LEU A 249 -2.07 5.31 11.45
CA LEU A 249 -2.24 4.91 12.86
C LEU A 249 -3.57 5.38 13.44
N TRP A 250 -3.87 6.67 13.22
CA TRP A 250 -5.17 7.23 13.63
C TRP A 250 -6.33 6.49 12.93
N GLU A 251 -6.19 6.25 11.64
CA GLU A 251 -7.12 5.40 10.89
C GLU A 251 -7.34 4.05 11.56
N ILE A 252 -6.26 3.38 11.96
CA ILE A 252 -6.35 2.06 12.59
C ILE A 252 -7.14 2.15 13.91
N PHE A 253 -6.82 3.10 14.78
CA PHE A 253 -7.43 3.13 16.10
C PHE A 253 -8.80 3.81 16.16
N THR A 254 -9.24 4.43 15.06
CA THR A 254 -10.65 4.82 14.94
C THR A 254 -11.40 3.73 14.16
N LEU A 255 -10.77 2.58 13.98
CA LEU A 255 -11.36 1.44 13.29
C LEU A 255 -11.86 1.82 11.90
N GLY A 256 -10.98 2.42 11.09
CA GLY A 256 -11.32 2.81 9.74
C GLY A 256 -12.00 4.16 9.66
N GLY A 257 -11.77 5.03 10.65
CA GLY A 257 -12.32 6.38 10.62
C GLY A 257 -11.72 7.21 9.49
N SER A 258 -12.41 8.27 9.06
CA SER A 258 -11.90 9.16 8.02
C SER A 258 -11.19 10.36 8.66
N PRO A 259 -9.97 10.69 8.22
CA PRO A 259 -9.16 11.73 8.88
C PRO A 259 -9.82 13.12 8.81
N TYR A 260 -9.52 13.98 9.80
CA TYR A 260 -10.08 15.35 9.86
C TYR A 260 -11.56 15.42 9.50
N PRO A 261 -12.41 14.74 10.26
CA PRO A 261 -13.83 14.75 9.88
C PRO A 261 -14.43 16.17 9.95
N GLY A 262 -15.29 16.49 9.00
CA GLY A 262 -16.02 17.74 9.03
C GLY A 262 -15.21 18.84 8.38
N ILE A 263 -14.01 18.51 7.93
CA ILE A 263 -13.15 19.54 7.37
C ILE A 263 -12.95 19.39 5.86
N PRO A 264 -13.22 20.46 5.12
CA PRO A 264 -12.99 20.45 3.67
C PRO A 264 -11.51 20.49 3.36
N VAL A 265 -11.11 19.81 2.29
CA VAL A 265 -9.71 19.73 1.87
C VAL A 265 -9.05 21.11 1.62
N GLU A 266 -9.85 22.09 1.19
CA GLU A 266 -9.35 23.44 0.94
C GLU A 266 -8.84 24.13 2.21
N GLU A 267 -9.43 23.82 3.35
CA GLU A 267 -9.05 24.49 4.59
C GLU A 267 -7.89 23.78 5.30
N LEU A 268 -7.66 22.52 4.93
CA LEU A 268 -6.61 21.73 5.56
C LEU A 268 -5.24 22.42 5.49
N PHE A 269 -4.99 23.14 4.40
CA PHE A 269 -3.77 23.92 4.24
C PHE A 269 -3.52 24.80 5.45
N SER A 270 -4.38 25.80 5.64
CA SER A 270 -4.22 26.74 6.74
C SER A 270 -4.39 26.08 8.10
N LEU A 271 -5.28 25.08 8.20
CA LEU A 271 -5.44 24.39 9.48
C LEU A 271 -4.12 23.76 9.90
N LEU A 272 -3.46 23.08 8.98
CA LEU A 272 -2.15 22.47 9.28
C LEU A 272 -1.12 23.55 9.60
N ARG A 273 -1.10 24.60 8.79
CA ARG A 273 -0.29 25.79 9.07
C ARG A 273 -0.50 26.32 10.50
N GLU A 274 -1.76 26.53 10.90
CA GLU A 274 -2.07 26.99 12.26
C GLU A 274 -1.75 25.93 13.32
N GLY A 275 -1.25 24.76 12.90
CA GLY A 275 -0.87 23.72 13.84
C GLY A 275 -1.97 22.81 14.35
N HIS A 276 -3.06 22.69 13.58
CA HIS A 276 -4.12 21.76 13.92
C HIS A 276 -3.63 20.32 13.84
N ARG A 277 -4.11 19.49 14.77
CA ARG A 277 -3.80 18.08 14.80
C ARG A 277 -5.05 17.33 15.22
N MET A 278 -5.24 16.11 14.72
CA MET A 278 -6.34 15.26 15.18
C MET A 278 -6.19 14.85 16.66
N ASP A 279 -7.32 14.61 17.32
CA ASP A 279 -7.33 14.27 18.72
C ASP A 279 -7.21 12.76 18.92
N ARG A 280 -7.12 12.33 20.18
CA ARG A 280 -6.95 10.91 20.49
C ARG A 280 -8.21 10.13 20.22
N PRO A 281 -8.10 9.07 19.41
CA PRO A 281 -9.20 8.10 19.24
C PRO A 281 -9.54 7.44 20.58
N PRO A 282 -10.83 7.22 20.85
CA PRO A 282 -11.35 6.54 22.06
C PRO A 282 -10.71 5.15 22.31
N HIS A 283 -10.49 4.43 21.22
CA HIS A 283 -9.84 3.12 21.28
C HIS A 283 -8.31 3.21 21.34
N CYS A 284 -7.76 4.31 21.89
CA CYS A 284 -6.31 4.53 21.83
C CYS A 284 -5.68 5.02 23.14
N PRO A 285 -4.82 4.18 23.74
CA PRO A 285 -4.09 4.56 24.95
C PRO A 285 -3.14 5.73 24.68
N PRO A 286 -3.04 6.65 25.64
CA PRO A 286 -2.23 7.87 25.58
C PRO A 286 -0.81 7.67 25.03
N GLU A 287 -0.23 6.49 25.22
CA GLU A 287 1.14 6.23 24.76
C GLU A 287 1.21 5.99 23.27
N LEU A 288 0.16 5.41 22.70
CA LEU A 288 0.10 5.24 21.26
C LEU A 288 -0.27 6.56 20.57
N TYR A 289 -1.07 7.37 21.24
CA TYR A 289 -1.39 8.70 20.76
C TYR A 289 -0.14 9.58 20.72
N GLY A 290 0.73 9.41 21.71
CA GLY A 290 2.01 10.09 21.72
C GLY A 290 2.82 9.75 20.50
N LEU A 291 2.78 8.49 20.08
CA LEU A 291 3.43 8.11 18.83
C LEU A 291 2.84 8.85 17.62
N MET A 292 1.52 8.90 17.49
CA MET A 292 0.91 9.62 16.38
C MET A 292 1.38 11.05 16.36
N ARG A 293 1.29 11.70 17.52
CA ARG A 293 1.62 13.12 17.63
C ARG A 293 3.07 13.37 17.22
N GLU A 294 3.95 12.45 17.58
CA GLU A 294 5.35 12.53 17.15
C GLU A 294 5.51 12.39 15.64
N CYS A 295 4.78 11.46 15.02
CA CYS A 295 4.74 11.36 13.56
C CYS A 295 4.27 12.65 12.89
N TRP A 296 3.44 13.45 13.57
CA TRP A 296 2.97 14.71 12.99
C TRP A 296 3.74 15.91 13.50
N HIS A 297 4.99 15.69 13.88
CA HIS A 297 5.83 16.82 14.20
C HIS A 297 5.97 17.71 12.97
N ALA A 298 5.89 19.03 13.16
CA ALA A 298 6.11 19.96 12.07
C ALA A 298 7.49 19.78 11.45
N ALA A 299 8.50 19.57 12.29
CA ALA A 299 9.89 19.38 11.84
C ALA A 299 10.14 17.91 11.48
N PRO A 300 10.50 17.64 10.22
CA PRO A 300 10.63 16.23 9.81
C PRO A 300 11.66 15.42 10.64
N SER A 301 12.72 16.10 11.09
CA SER A 301 13.78 15.46 11.84
C SER A 301 13.35 15.05 13.24
N GLN A 302 12.24 15.61 13.72
CA GLN A 302 11.78 15.35 15.08
C GLN A 302 10.67 14.30 15.07
N ARG A 303 10.37 13.79 13.88
CA ARG A 303 9.48 12.64 13.76
C ARG A 303 10.28 11.35 13.95
N PRO A 304 9.65 10.30 14.50
CA PRO A 304 10.33 9.00 14.59
C PRO A 304 10.74 8.50 13.21
N THR A 305 11.74 7.63 13.17
CA THR A 305 12.01 6.89 11.95
C THR A 305 11.16 5.63 11.94
N PHE A 306 11.09 4.95 10.81
CA PHE A 306 10.37 3.68 10.77
C PHE A 306 11.07 2.62 11.62
N LYS A 307 12.39 2.66 11.73
CA LYS A 307 13.07 1.73 12.61
C LYS A 307 12.60 1.90 14.06
N GLN A 308 12.47 3.14 14.51
CA GLN A 308 11.99 3.37 15.87
C GLN A 308 10.50 3.00 16.05
N LEU A 309 9.70 3.20 15.01
CA LEU A 309 8.29 2.85 15.09
C LEU A 309 8.13 1.33 15.23
N VAL A 310 8.94 0.59 14.51
CA VAL A 310 8.93 -0.87 14.62
C VAL A 310 9.34 -1.33 16.02
N GLU A 311 10.45 -0.81 16.55
CA GLU A 311 10.90 -1.17 17.89
C GLU A 311 9.89 -0.78 18.97
N ALA A 312 9.31 0.41 18.86
CA ALA A 312 8.31 0.88 19.82
C ALA A 312 7.04 0.01 19.80
N LEU A 313 6.55 -0.31 18.60
CA LEU A 313 5.32 -1.09 18.49
C LEU A 313 5.56 -2.57 18.85
N ASP A 314 6.73 -3.10 18.50
CA ASP A 314 7.13 -4.44 18.91
C ASP A 314 7.06 -4.56 20.42
N LYS A 315 7.55 -3.55 21.14
CA LYS A 315 7.47 -3.56 22.60
C LYS A 315 6.05 -3.67 23.12
N VAL A 316 5.15 -2.84 22.59
CA VAL A 316 3.77 -2.86 23.04
C VAL A 316 3.17 -4.25 22.83
N LEU A 317 3.58 -4.91 21.75
CA LEU A 317 3.06 -6.24 21.42
C LEU A 317 3.51 -7.32 22.42
N LEU A 318 4.77 -7.30 22.80
CA LEU A 318 5.28 -8.28 23.76
C LEU A 318 4.53 -8.17 25.08
N ALA A 319 4.31 -6.94 25.51
CA ALA A 319 3.55 -6.64 26.73
C ALA A 319 2.11 -7.15 26.68
N VAL A 320 1.54 -7.25 25.48
CA VAL A 320 0.15 -7.63 25.31
C VAL A 320 0.00 -8.70 24.24
#